data_9RFB
#
_entry.id   9RFB
#
_cell.length_a   54.793
_cell.length_b   54.793
_cell.length_c   329.942
_cell.angle_alpha   90.000
_cell.angle_beta   90.000
_cell.angle_gamma   90.000
#
_symmetry.space_group_name_H-M   'P 43 21 2'
#
loop_
_entity.id
_entity.type
_entity.pdbx_description
1 polymer 'Ras-related C3 botulinum toxin substrate 1'
2 polymer 'E3 ubiquitin-protein ligase SH3RF1'
3 non-polymer 'PHOSPHOAMINOPHOSPHONIC ACID-GUANYLATE ESTER'
4 non-polymer 'MAGNESIUM ION'
5 non-polymer 'PHOSPHATE ION'
6 non-polymer 'CHLORIDE ION'
7 water water
#
loop_
_entity_poly.entity_id
_entity_poly.type
_entity_poly.pdbx_seq_one_letter_code
_entity_poly.pdbx_strand_id
1 'polypeptide(L)'
;GRRMQAIKCVVVGDGAVGKTCLLISYTTNAFPGEYIPTVFDNYSANVMVDGKPVNLGLWDTAGQEDYDRLRPLSYPQTDV
FLICFSLVSPASFENVRAKWYPEVRHH(CME)PNTPIILVGTKLDLRDDKDTIEKLKEKKLTPITYPQGLAMAKEIGAVK
YLECSALTQRGLKTVFDEAIRAVL
;
A,B
2 'polypeptide(L)' RHSMEISPPVLISSSNPTAAARISELSG C,D
#
loop_
_chem_comp.id
_chem_comp.type
_chem_comp.name
_chem_comp.formula
CL non-polymer 'CHLORIDE ION' 'Cl -1'
GNP non-polymer 'PHOSPHOAMINOPHOSPHONIC ACID-GUANYLATE ESTER' 'C10 H17 N6 O13 P3'
MG non-polymer 'MAGNESIUM ION' 'Mg 2'
PO4 non-polymer 'PHOSPHATE ION' 'O4 P -3'
#
# COMPACT_ATOMS: atom_id res chain seq x y z
N ARG A 3 5.92 18.40 -0.47
CA ARG A 3 4.98 17.49 0.26
C ARG A 3 5.56 17.10 1.61
N MET A 4 4.66 16.88 2.57
CA MET A 4 5.05 16.52 3.93
C MET A 4 5.77 15.19 3.86
N GLN A 5 6.87 15.08 4.62
CA GLN A 5 7.68 13.88 4.71
C GLN A 5 6.83 12.73 5.25
N ALA A 6 7.01 11.53 4.66
CA ALA A 6 6.16 10.39 4.99
C ALA A 6 6.99 9.11 5.20
N ILE A 7 6.49 8.24 6.07
CA ILE A 7 7.11 6.95 6.39
C ILE A 7 6.03 5.88 6.25
N LYS A 8 6.32 4.80 5.52
CA LYS A 8 5.45 3.62 5.50
C LYS A 8 6.07 2.54 6.38
N CYS A 9 5.32 2.12 7.41
CA CYS A 9 5.74 1.09 8.35
C CYS A 9 4.74 -0.06 8.25
N VAL A 10 5.23 -1.30 8.04
CA VAL A 10 4.39 -2.47 7.92
C VAL A 10 4.64 -3.38 9.14
N VAL A 11 3.54 -3.83 9.77
CA VAL A 11 3.57 -4.63 10.98
C VAL A 11 3.19 -6.08 10.63
N VAL A 12 4.10 -7.03 10.90
CA VAL A 12 3.87 -8.45 10.60
C VAL A 12 4.18 -9.29 11.84
N GLY A 13 3.67 -10.52 11.86
CA GLY A 13 3.86 -11.48 12.92
C GLY A 13 2.65 -12.41 13.05
N ASP A 14 2.80 -13.48 13.84
CA ASP A 14 1.75 -14.48 13.97
C ASP A 14 0.43 -13.88 14.44
N GLY A 15 -0.66 -14.59 14.15
CA GLY A 15 -1.95 -14.17 14.66
C GLY A 15 -1.95 -14.22 16.17
N ALA A 16 -2.64 -13.24 16.78
CA ALA A 16 -2.83 -13.13 18.21
C ALA A 16 -1.61 -12.60 18.98
N VAL A 17 -0.54 -12.15 18.30
CA VAL A 17 0.60 -11.60 19.02
C VAL A 17 0.31 -10.19 19.55
N GLY A 18 -0.65 -9.46 18.94
CA GLY A 18 -1.01 -8.13 19.43
C GLY A 18 -0.71 -6.98 18.47
N LYS A 19 -0.67 -7.25 17.16
CA LYS A 19 -0.34 -6.25 16.16
C LYS A 19 -1.38 -5.12 16.08
N THR A 20 -2.66 -5.47 16.06
CA THR A 20 -3.75 -4.50 15.98
C THR A 20 -3.86 -3.65 17.26
N CYS A 21 -3.73 -4.26 18.44
CA CYS A 21 -3.75 -3.52 19.71
C CYS A 21 -2.55 -2.59 19.85
N LEU A 22 -1.40 -3.02 19.35
CA LEU A 22 -0.24 -2.17 19.31
C LEU A 22 -0.55 -0.85 18.56
N LEU A 23 -1.14 -0.99 17.37
CA LEU A 23 -1.44 0.13 16.50
C LEU A 23 -2.57 1.01 17.05
N ILE A 24 -3.63 0.39 17.57
CA ILE A 24 -4.74 1.13 18.17
C ILE A 24 -4.25 1.88 19.42
N SER A 25 -3.54 1.17 20.29
CA SER A 25 -3.06 1.76 21.53
C SER A 25 -2.08 2.90 21.26
N TYR A 26 -1.16 2.71 20.32
CA TYR A 26 -0.21 3.78 20.04
C TYR A 26 -0.92 5.01 19.48
N THR A 27 -1.82 4.83 18.50
CA THR A 27 -2.35 5.97 17.78
C THR A 27 -3.49 6.69 18.49
N THR A 28 -4.22 6.01 19.38
CA THR A 28 -5.39 6.60 20.02
C THR A 28 -5.37 6.49 21.54
N ASN A 29 -4.46 5.68 22.12
CA ASN A 29 -4.37 5.41 23.54
C ASN A 29 -5.53 4.54 24.01
N ALA A 30 -6.32 3.98 23.09
CA ALA A 30 -7.40 3.06 23.45
C ALA A 30 -6.90 1.60 23.35
N PHE A 31 -7.69 0.65 23.87
CA PHE A 31 -7.42 -0.77 23.78
C PHE A 31 -8.73 -1.47 23.45
N PRO A 32 -8.86 -2.17 22.30
CA PRO A 32 -10.14 -2.74 21.90
C PRO A 32 -10.53 -3.86 22.85
N GLY A 33 -11.84 -3.94 23.15
CA GLY A 33 -12.41 -4.92 24.07
C GLY A 33 -12.62 -6.33 23.47
N GLU A 34 -12.59 -6.49 22.14
CA GLU A 34 -12.83 -7.78 21.50
C GLU A 34 -11.80 -8.00 20.40
N TYR A 35 -11.30 -9.25 20.26
CA TYR A 35 -10.33 -9.63 19.23
C TYR A 35 -11.03 -9.96 17.91
N ILE A 36 -10.81 -9.14 16.89
CA ILE A 36 -11.27 -9.39 15.52
C ILE A 36 -10.05 -9.58 14.63
N PRO A 37 -9.87 -10.75 13.96
CA PRO A 37 -8.69 -10.98 13.13
C PRO A 37 -8.60 -9.98 11.97
N THR A 38 -7.36 -9.57 11.67
CA THR A 38 -7.10 -8.54 10.67
C THR A 38 -6.87 -9.25 9.33
N VAL A 39 -7.40 -8.64 8.25
CA VAL A 39 -7.00 -9.01 6.91
C VAL A 39 -5.98 -7.96 6.45
N PHE A 40 -6.44 -6.71 6.39
CA PHE A 40 -5.55 -5.57 6.20
C PHE A 40 -6.25 -4.41 6.91
N ASP A 41 -5.46 -3.47 7.39
CA ASP A 41 -5.98 -2.25 7.96
C ASP A 41 -4.87 -1.21 7.90
N ASN A 42 -5.27 0.06 8.07
CA ASN A 42 -4.36 1.18 7.94
C ASN A 42 -4.66 2.27 8.96
N TYR A 43 -3.58 2.97 9.31
CA TYR A 43 -3.56 4.06 10.26
C TYR A 43 -2.67 5.16 9.68
N SER A 44 -3.22 6.36 9.51
CA SER A 44 -2.46 7.49 9.08
C SER A 44 -2.38 8.45 10.28
N ALA A 45 -1.19 8.72 10.79
CA ALA A 45 -1.04 9.58 11.94
C ALA A 45 0.12 10.55 11.71
N ASN A 46 0.01 11.77 12.26
CA ASN A 46 1.06 12.76 12.15
C ASN A 46 1.84 12.82 13.48
N VAL A 47 3.17 12.98 13.35
CA VAL A 47 4.03 13.18 14.49
C VAL A 47 4.93 14.37 14.13
N MET A 48 5.44 15.04 15.16
CA MET A 48 6.46 16.06 14.98
C MET A 48 7.82 15.42 15.27
N VAL A 49 8.73 15.49 14.29
CA VAL A 49 10.08 15.00 14.44
C VAL A 49 11.03 16.20 14.36
N ASP A 50 11.61 16.55 15.52
CA ASP A 50 12.42 17.76 15.65
C ASP A 50 11.72 18.97 15.06
N GLY A 51 10.46 19.16 15.40
CA GLY A 51 9.73 20.36 15.02
C GLY A 51 9.16 20.32 13.60
N LYS A 52 9.39 19.25 12.83
CA LYS A 52 8.85 19.13 11.48
C LYS A 52 7.81 18.01 11.41
N PRO A 53 6.63 18.23 10.79
CA PRO A 53 5.59 17.19 10.69
C PRO A 53 5.98 16.02 9.79
N VAL A 54 5.61 14.81 10.22
CA VAL A 54 5.89 13.61 9.45
C VAL A 54 4.61 12.76 9.41
N ASN A 55 4.25 12.25 8.24
CA ASN A 55 3.08 11.39 8.15
C ASN A 55 3.53 9.94 8.30
N LEU A 56 2.93 9.23 9.24
CA LEU A 56 3.21 7.82 9.47
C LEU A 56 2.09 7.02 8.82
N GLY A 57 2.43 6.23 7.81
CA GLY A 57 1.49 5.31 7.20
C GLY A 57 1.73 3.93 7.80
N LEU A 58 0.86 3.51 8.72
CA LEU A 58 1.06 2.25 9.43
C LEU A 58 0.13 1.22 8.79
N TRP A 59 0.72 0.12 8.34
CA TRP A 59 -0.01 -0.93 7.62
C TRP A 59 -0.07 -2.19 8.46
N ASP A 60 -1.28 -2.63 8.78
CA ASP A 60 -1.54 -3.81 9.60
C ASP A 60 -1.78 -4.98 8.66
N THR A 61 -1.23 -6.16 8.98
CA THR A 61 -1.34 -7.32 8.11
C THR A 61 -1.91 -8.53 8.86
N ALA A 62 -2.30 -9.56 8.10
CA ALA A 62 -2.86 -10.79 8.64
C ALA A 62 -1.74 -11.74 9.09
N GLY A 63 -1.81 -12.19 10.36
CA GLY A 63 -0.86 -13.18 10.87
C GLY A 63 -1.11 -14.60 10.36
N GLN A 64 -2.31 -14.88 9.84
CA GLN A 64 -2.70 -16.24 9.43
C GLN A 64 -2.08 -16.69 8.10
N GLU A 65 -1.85 -18.01 7.99
CA GLU A 65 -1.16 -18.63 6.86
C GLU A 65 -2.03 -18.53 5.58
N ASP A 66 -3.35 -18.47 5.76
CA ASP A 66 -4.28 -18.43 4.63
C ASP A 66 -4.15 -17.11 3.86
N TYR A 67 -3.45 -16.13 4.44
CA TYR A 67 -3.27 -14.86 3.75
C TYR A 67 -1.84 -14.70 3.23
N ASP A 68 -1.08 -15.79 3.13
CA ASP A 68 0.32 -15.71 2.79
C ASP A 68 0.55 -15.14 1.40
N ARG A 69 -0.42 -15.32 0.49
CA ARG A 69 -0.20 -14.97 -0.91
C ARG A 69 -0.57 -13.50 -1.15
N LEU A 70 -1.49 -12.96 -0.34
CA LEU A 70 -1.90 -11.58 -0.48
C LEU A 70 -1.01 -10.64 0.33
N ARG A 71 -0.61 -11.05 1.55
CA ARG A 71 0.14 -10.22 2.48
C ARG A 71 1.31 -9.51 1.80
N PRO A 72 2.22 -10.18 1.06
CA PRO A 72 3.36 -9.49 0.46
C PRO A 72 3.00 -8.41 -0.57
N LEU A 73 1.75 -8.42 -1.07
CA LEU A 73 1.32 -7.44 -2.04
C LEU A 73 1.22 -6.07 -1.37
N SER A 74 1.25 -6.01 -0.02
CA SER A 74 1.25 -4.73 0.64
C SER A 74 2.68 -4.19 0.91
N TYR A 75 3.74 -4.94 0.58
CA TYR A 75 5.09 -4.60 0.98
C TYR A 75 5.76 -3.52 0.11
N PRO A 76 5.40 -3.30 -1.17
CA PRO A 76 6.11 -2.28 -1.96
C PRO A 76 6.16 -0.90 -1.32
N GLN A 77 7.35 -0.27 -1.40
CA GLN A 77 7.59 1.07 -0.88
C GLN A 77 7.61 1.10 0.66
N THR A 78 7.70 -0.06 1.33
CA THR A 78 7.87 -0.07 2.78
C THR A 78 9.21 0.57 3.19
N ASP A 79 9.20 1.38 4.25
CA ASP A 79 10.42 2.02 4.74
C ASP A 79 11.00 1.24 5.93
N VAL A 80 10.12 0.63 6.75
CA VAL A 80 10.54 -0.09 7.94
C VAL A 80 9.49 -1.14 8.27
N PHE A 81 9.95 -2.33 8.69
CA PHE A 81 9.07 -3.39 9.15
C PHE A 81 9.15 -3.51 10.68
N LEU A 82 7.99 -3.79 11.32
CA LEU A 82 7.97 -4.26 12.68
C LEU A 82 7.70 -5.74 12.59
N ILE A 83 8.63 -6.60 13.06
CA ILE A 83 8.36 -8.03 13.14
C ILE A 83 8.02 -8.30 14.60
N CYS A 84 6.79 -8.73 14.87
CA CYS A 84 6.25 -8.87 16.20
C CYS A 84 6.11 -10.34 16.60
N PHE A 85 6.39 -10.60 17.88
CA PHE A 85 6.14 -11.89 18.52
C PHE A 85 5.70 -11.59 19.95
N SER A 86 4.87 -12.45 20.52
CA SER A 86 4.41 -12.33 21.91
C SER A 86 5.45 -12.92 22.86
N LEU A 87 5.82 -12.15 23.89
CA LEU A 87 6.79 -12.62 24.87
C LEU A 87 6.30 -13.84 25.66
N VAL A 88 5.00 -14.16 25.58
CA VAL A 88 4.46 -15.30 26.30
C VAL A 88 4.01 -16.38 25.32
N SER A 89 4.53 -16.32 24.09
CA SER A 89 4.26 -17.35 23.09
C SER A 89 5.55 -17.77 22.41
N PRO A 90 6.21 -18.83 22.91
CA PRO A 90 7.42 -19.31 22.25
C PRO A 90 7.24 -19.71 20.78
N ALA A 91 6.08 -20.24 20.41
CA ALA A 91 5.86 -20.59 19.02
C ALA A 91 5.96 -19.35 18.12
N SER A 92 5.44 -18.21 18.58
CA SER A 92 5.42 -17.00 17.79
C SER A 92 6.84 -16.46 17.65
N PHE A 93 7.65 -16.71 18.69
CA PHE A 93 9.06 -16.32 18.68
C PHE A 93 9.82 -17.15 17.64
N GLU A 94 9.64 -18.47 17.64
CA GLU A 94 10.30 -19.32 16.69
C GLU A 94 9.88 -18.95 15.25
N ASN A 95 8.63 -18.49 15.05
CA ASN A 95 8.20 -18.08 13.72
C ASN A 95 8.89 -16.83 13.19
N VAL A 96 9.50 -16.04 14.08
CA VAL A 96 10.34 -14.94 13.62
C VAL A 96 11.43 -15.48 12.71
N ARG A 97 12.17 -16.51 13.18
CA ARG A 97 13.24 -17.10 12.40
C ARG A 97 12.70 -17.97 11.27
N ALA A 98 11.67 -18.78 11.52
CA ALA A 98 11.21 -19.72 10.51
C ALA A 98 10.38 -19.08 9.40
N LYS A 99 9.71 -17.94 9.66
CA LYS A 99 8.73 -17.42 8.72
C LYS A 99 8.93 -15.94 8.41
N TRP A 100 8.85 -15.07 9.44
CA TRP A 100 8.71 -13.64 9.22
C TRP A 100 10.00 -13.04 8.65
N TYR A 101 11.16 -13.36 9.23
CA TYR A 101 12.41 -12.82 8.74
C TYR A 101 12.63 -13.30 7.30
N PRO A 102 12.53 -14.60 6.97
CA PRO A 102 12.66 -15.05 5.58
C PRO A 102 11.69 -14.42 4.59
N GLU A 103 10.41 -14.24 4.96
CA GLU A 103 9.44 -13.60 4.09
C GLU A 103 9.79 -12.12 3.85
N VAL A 104 10.07 -11.36 4.91
CA VAL A 104 10.39 -9.96 4.74
C VAL A 104 11.66 -9.79 3.89
N ARG A 105 12.69 -10.60 4.16
CA ARG A 105 13.94 -10.49 3.42
CA ARG A 105 13.95 -10.52 3.43
C ARG A 105 13.80 -10.90 1.95
N HIS A 106 12.96 -11.90 1.68
CA HIS A 106 12.76 -12.33 0.30
C HIS A 106 12.20 -11.15 -0.53
N HIS A 107 11.23 -10.39 0.02
CA HIS A 107 10.57 -9.34 -0.74
C HIS A 107 11.31 -8.01 -0.62
N CME A 108 11.97 -7.80 0.51
CA CME A 108 12.52 -6.50 0.84
CB CME A 108 11.54 -5.73 1.72
SG CME A 108 9.88 -5.48 1.01
SD CME A 108 10.29 -4.12 -0.46
CE CME A 108 10.24 -2.57 0.49
CZ CME A 108 11.01 -1.45 -0.11
OH CME A 108 10.80 -1.41 -1.47
C CME A 108 13.89 -6.68 1.49
O CME A 108 14.06 -6.40 2.67
N PRO A 109 14.91 -7.12 0.72
CA PRO A 109 16.23 -7.44 1.27
C PRO A 109 16.96 -6.29 1.95
N ASN A 110 16.61 -5.04 1.67
CA ASN A 110 17.37 -3.96 2.28
C ASN A 110 16.56 -3.10 3.25
N THR A 111 15.31 -3.49 3.56
CA THR A 111 14.48 -2.65 4.41
C THR A 111 14.80 -2.95 5.88
N PRO A 112 14.97 -1.90 6.71
CA PRO A 112 15.20 -2.13 8.13
C PRO A 112 14.04 -2.83 8.85
N ILE A 113 14.42 -3.64 9.84
CA ILE A 113 13.52 -4.40 10.69
C ILE A 113 13.76 -3.97 12.14
N ILE A 114 12.65 -3.72 12.83
CA ILE A 114 12.58 -3.66 14.28
C ILE A 114 11.92 -4.93 14.80
N LEU A 115 12.60 -5.67 15.68
CA LEU A 115 12.01 -6.84 16.31
C LEU A 115 11.30 -6.39 17.59
N VAL A 116 10.00 -6.69 17.68
CA VAL A 116 9.16 -6.25 18.78
C VAL A 116 8.60 -7.44 19.57
N GLY A 117 8.96 -7.50 20.86
CA GLY A 117 8.36 -8.41 21.82
C GLY A 117 7.13 -7.78 22.45
N THR A 118 5.95 -8.38 22.25
CA THR A 118 4.69 -7.83 22.71
C THR A 118 4.19 -8.52 24.00
N LYS A 119 3.13 -7.94 24.58
CA LYS A 119 2.47 -8.44 25.79
C LYS A 119 3.45 -8.53 26.96
N LEU A 120 4.30 -7.49 27.11
CA LEU A 120 5.28 -7.43 28.19
C LEU A 120 4.60 -7.59 29.55
N ASP A 121 3.36 -7.08 29.71
CA ASP A 121 2.63 -7.14 30.96
C ASP A 121 2.40 -8.59 31.42
N LEU A 122 2.39 -9.57 30.50
CA LEU A 122 2.09 -10.96 30.87
C LEU A 122 3.34 -11.72 31.29
N ARG A 123 4.56 -11.23 31.01
CA ARG A 123 5.73 -12.06 31.27
C ARG A 123 5.84 -12.45 32.75
N ASP A 124 5.43 -11.54 33.65
CA ASP A 124 5.54 -11.76 35.09
C ASP A 124 4.23 -12.27 35.69
N ASP A 125 3.25 -12.58 34.85
CA ASP A 125 1.95 -13.00 35.33
C ASP A 125 2.00 -14.47 35.72
N LYS A 126 1.68 -14.78 36.99
CA LYS A 126 1.92 -16.10 37.55
C LYS A 126 1.06 -17.15 36.84
N ASP A 127 -0.18 -16.78 36.50
CA ASP A 127 -1.06 -17.71 35.81
C ASP A 127 -0.53 -18.00 34.41
N THR A 128 -0.11 -16.96 33.66
CA THR A 128 0.48 -17.15 32.35
C THR A 128 1.72 -18.04 32.48
N ILE A 129 2.58 -17.75 33.46
CA ILE A 129 3.79 -18.53 33.67
C ILE A 129 3.42 -20.00 33.91
N GLU A 130 2.48 -20.26 34.83
CA GLU A 130 2.09 -21.63 35.16
CA GLU A 130 2.03 -21.62 35.17
C GLU A 130 1.47 -22.36 33.95
N LYS A 131 0.66 -21.65 33.15
CA LYS A 131 0.04 -22.30 32.00
C LYS A 131 1.15 -22.71 31.01
N LEU A 132 2.16 -21.85 30.82
CA LEU A 132 3.28 -22.19 29.96
C LEU A 132 4.04 -23.39 30.55
N LYS A 133 4.32 -23.31 31.87
CA LYS A 133 5.09 -24.33 32.57
C LYS A 133 4.44 -25.71 32.42
N GLU A 134 3.10 -25.78 32.40
CA GLU A 134 2.36 -27.02 32.21
C GLU A 134 2.65 -27.64 30.84
N LYS A 135 2.98 -26.83 29.84
CA LYS A 135 3.30 -27.34 28.51
C LYS A 135 4.81 -27.34 28.27
N LYS A 136 5.61 -27.34 29.36
CA LYS A 136 7.08 -27.38 29.33
C LYS A 136 7.67 -26.16 28.61
N LEU A 137 6.99 -25.01 28.73
CA LEU A 137 7.42 -23.78 28.11
C LEU A 137 7.68 -22.72 29.16
N THR A 138 8.38 -21.69 28.73
CA THR A 138 8.74 -20.55 29.56
C THR A 138 8.62 -19.27 28.72
N PRO A 139 8.29 -18.10 29.31
CA PRO A 139 8.26 -16.87 28.53
C PRO A 139 9.60 -16.54 27.89
N ILE A 140 9.59 -15.69 26.86
CA ILE A 140 10.82 -15.29 26.19
C ILE A 140 11.46 -14.20 27.04
N THR A 141 12.76 -14.35 27.32
CA THR A 141 13.49 -13.37 28.13
C THR A 141 14.05 -12.26 27.25
N TYR A 142 14.43 -11.14 27.86
CA TYR A 142 15.05 -10.04 27.14
C TYR A 142 16.30 -10.52 26.40
N PRO A 143 17.27 -11.24 27.03
CA PRO A 143 18.43 -11.74 26.31
C PRO A 143 18.12 -12.61 25.10
N GLN A 144 17.05 -13.40 25.18
CA GLN A 144 16.66 -14.26 24.07
C GLN A 144 16.22 -13.40 22.88
N GLY A 145 15.41 -12.38 23.18
CA GLY A 145 14.91 -11.49 22.16
C GLY A 145 16.03 -10.73 21.46
N LEU A 146 16.94 -10.24 22.30
CA LEU A 146 18.11 -9.52 21.84
C LEU A 146 18.93 -10.41 20.89
N ALA A 147 19.19 -11.65 21.27
CA ALA A 147 19.95 -12.56 20.43
C ALA A 147 19.22 -12.82 19.10
N MET A 148 17.89 -12.95 19.13
CA MET A 148 17.11 -13.16 17.91
C MET A 148 17.22 -11.95 17.00
N ALA A 149 17.21 -10.74 17.59
CA ALA A 149 17.36 -9.51 16.82
C ALA A 149 18.70 -9.46 16.09
N LYS A 150 19.76 -9.89 16.78
CA LYS A 150 21.09 -9.96 16.19
C LYS A 150 21.13 -10.99 15.07
N GLU A 151 20.57 -12.18 15.31
CA GLU A 151 20.51 -13.25 14.33
C GLU A 151 19.79 -12.80 13.05
N ILE A 152 18.69 -12.03 13.13
CA ILE A 152 17.98 -11.64 11.91
C ILE A 152 18.44 -10.27 11.35
N GLY A 153 19.47 -9.65 11.93
CA GLY A 153 19.91 -8.36 11.43
C GLY A 153 18.97 -7.19 11.73
N ALA A 154 18.12 -7.30 12.77
CA ALA A 154 17.22 -6.21 13.14
C ALA A 154 18.02 -5.01 13.63
N VAL A 155 17.53 -3.82 13.33
CA VAL A 155 18.12 -2.57 13.76
C VAL A 155 18.09 -2.50 15.28
N LYS A 156 16.98 -2.95 15.86
CA LYS A 156 16.72 -2.81 17.29
C LYS A 156 15.75 -3.89 17.74
N TYR A 157 15.92 -4.33 18.99
CA TYR A 157 14.99 -5.18 19.70
C TYR A 157 14.30 -4.35 20.76
N LEU A 158 12.97 -4.40 20.86
CA LEU A 158 12.22 -3.62 21.82
C LEU A 158 11.08 -4.46 22.39
N GLU A 159 10.73 -4.16 23.65
CA GLU A 159 9.66 -4.86 24.34
C GLU A 159 8.59 -3.84 24.74
N CYS A 160 7.31 -4.26 24.68
CA CYS A 160 6.23 -3.35 24.99
C CYS A 160 4.94 -4.09 25.35
N SER A 161 4.02 -3.33 25.92
CA SER A 161 2.67 -3.74 26.22
C SER A 161 1.74 -2.71 25.60
N ALA A 162 0.85 -3.13 24.70
CA ALA A 162 -0.24 -2.27 24.26
C ALA A 162 -1.20 -1.96 25.40
N LEU A 163 -1.38 -2.91 26.33
CA LEU A 163 -2.37 -2.82 27.41
C LEU A 163 -1.97 -1.72 28.41
N THR A 164 -0.73 -1.73 28.88
CA THR A 164 -0.26 -0.74 29.84
C THR A 164 0.43 0.44 29.15
N GLN A 165 0.78 0.27 27.86
CA GLN A 165 1.53 1.24 27.06
C GLN A 165 3.02 1.33 27.45
N ARG A 166 3.52 0.45 28.32
CA ARG A 166 4.93 0.41 28.64
C ARG A 166 5.72 0.11 27.35
N GLY A 167 6.69 1.01 27.04
CA GLY A 167 7.60 0.86 25.91
C GLY A 167 6.94 1.01 24.55
N LEU A 168 5.64 1.40 24.52
CA LEU A 168 4.87 1.38 23.29
C LEU A 168 5.33 2.51 22.34
N LYS A 169 5.42 3.72 22.90
CA LYS A 169 5.84 4.86 22.11
C LYS A 169 7.26 4.65 21.57
N THR A 170 8.12 4.03 22.38
CA THR A 170 9.50 3.79 21.99
C THR A 170 9.59 2.92 20.72
N VAL A 171 8.72 1.92 20.59
CA VAL A 171 8.68 1.08 19.41
C VAL A 171 8.59 1.95 18.14
N PHE A 172 7.61 2.86 18.10
CA PHE A 172 7.35 3.64 16.91
C PHE A 172 8.40 4.75 16.75
N ASP A 173 8.92 5.25 17.85
CA ASP A 173 9.98 6.25 17.77
C ASP A 173 11.23 5.65 17.09
N GLU A 174 11.54 4.40 17.43
CA GLU A 174 12.68 3.68 16.91
C GLU A 174 12.47 3.31 15.44
N ALA A 175 11.24 2.96 15.05
CA ALA A 175 10.91 2.76 13.65
C ALA A 175 11.17 4.02 12.83
N ILE A 176 10.75 5.17 13.36
CA ILE A 176 11.01 6.48 12.74
C ILE A 176 12.52 6.73 12.61
N ARG A 177 13.27 6.45 13.67
CA ARG A 177 14.70 6.67 13.72
C ARG A 177 15.42 5.74 12.74
N ALA A 178 14.80 4.61 12.39
CA ALA A 178 15.46 3.69 11.48
C ALA A 178 15.40 4.22 10.05
N VAL A 179 14.50 5.19 9.80
CA VAL A 179 14.24 5.73 8.47
C VAL A 179 14.83 7.13 8.43
N LEU A 180 14.40 8.02 9.33
N LEU A 180 14.45 8.02 9.36
CA LEU A 180 14.83 9.41 9.30
CA LEU A 180 14.83 9.43 9.25
C LEU A 180 16.19 9.56 10.01
C LEU A 180 16.18 9.70 9.93
N MET B 4 15.25 9.82 -2.41
CA MET B 4 14.77 10.27 -3.75
C MET B 4 13.25 10.54 -3.66
N GLN B 5 12.80 11.67 -4.21
CA GLN B 5 11.37 11.94 -4.36
C GLN B 5 10.63 10.73 -4.93
N ALA B 6 9.42 10.49 -4.40
CA ALA B 6 8.63 9.34 -4.84
C ALA B 6 7.19 9.75 -5.08
N ILE B 7 6.54 9.05 -6.00
CA ILE B 7 5.13 9.25 -6.29
C ILE B 7 4.46 7.88 -6.34
N LYS B 8 3.32 7.77 -5.66
CA LYS B 8 2.49 6.57 -5.70
C LYS B 8 1.27 6.85 -6.55
N CYS B 9 1.08 6.02 -7.60
CA CYS B 9 -0.03 6.15 -8.50
C CYS B 9 -0.81 4.83 -8.52
N VAL B 10 -2.12 4.88 -8.31
CA VAL B 10 -2.97 3.69 -8.28
C VAL B 10 -3.95 3.76 -9.43
N VAL B 11 -4.06 2.64 -10.16
CA VAL B 11 -4.84 2.54 -11.37
C VAL B 11 -6.08 1.70 -11.06
N VAL B 12 -7.27 2.26 -11.28
CA VAL B 12 -8.53 1.57 -11.04
C VAL B 12 -9.44 1.68 -12.26
N GLY B 13 -10.43 0.77 -12.31
CA GLY B 13 -11.43 0.76 -13.36
C GLY B 13 -11.93 -0.65 -13.61
N ASP B 14 -12.97 -0.77 -14.44
CA ASP B 14 -13.63 -2.05 -14.65
C ASP B 14 -12.67 -3.06 -15.27
N GLY B 15 -13.03 -4.36 -15.12
CA GLY B 15 -12.33 -5.44 -15.78
C GLY B 15 -12.34 -5.23 -17.30
N ALA B 16 -11.22 -5.56 -17.95
CA ALA B 16 -11.05 -5.57 -19.39
C ALA B 16 -10.89 -4.18 -20.01
N VAL B 17 -10.74 -3.11 -19.22
CA VAL B 17 -10.58 -1.78 -19.82
C VAL B 17 -9.15 -1.57 -20.33
N GLY B 18 -8.18 -2.36 -19.84
CA GLY B 18 -6.81 -2.28 -20.31
C GLY B 18 -5.83 -1.68 -19.30
N LYS B 19 -6.09 -1.85 -18.00
CA LYS B 19 -5.25 -1.29 -16.95
C LYS B 19 -3.85 -1.91 -16.94
N THR B 20 -3.81 -3.24 -17.00
CA THR B 20 -2.57 -4.00 -16.99
C THR B 20 -1.74 -3.69 -18.23
N CYS B 21 -2.36 -3.69 -19.41
CA CYS B 21 -1.62 -3.39 -20.64
C CYS B 21 -1.09 -1.96 -20.64
N LEU B 22 -1.85 -1.03 -20.09
CA LEU B 22 -1.41 0.34 -19.93
C LEU B 22 -0.08 0.41 -19.17
N LEU B 23 -0.07 -0.22 -17.99
CA LEU B 23 1.12 -0.26 -17.14
C LEU B 23 2.30 -0.98 -17.80
N ILE B 24 2.07 -2.15 -18.37
CA ILE B 24 3.14 -2.90 -19.04
C ILE B 24 3.69 -2.10 -20.24
N SER B 25 2.78 -1.57 -21.08
CA SER B 25 3.19 -0.81 -22.25
C SER B 25 3.96 0.45 -21.89
N TYR B 26 3.50 1.20 -20.88
CA TYR B 26 4.20 2.40 -20.46
C TYR B 26 5.58 2.06 -19.93
N THR B 27 5.70 1.06 -19.06
CA THR B 27 6.93 0.84 -18.33
C THR B 27 7.98 0.10 -19.18
N THR B 28 7.55 -0.75 -20.13
CA THR B 28 8.48 -1.63 -20.81
C THR B 28 8.34 -1.58 -22.33
N ASN B 29 7.31 -0.90 -22.85
CA ASN B 29 7.06 -0.76 -24.28
C ASN B 29 6.52 -2.05 -24.90
N ALA B 30 6.21 -3.04 -24.08
CA ALA B 30 5.67 -4.29 -24.59
C ALA B 30 4.15 -4.24 -24.56
N PHE B 31 3.49 -5.04 -25.40
CA PHE B 31 2.06 -5.23 -25.29
C PHE B 31 1.80 -6.69 -24.91
N PRO B 32 1.23 -6.96 -23.72
CA PRO B 32 1.04 -8.33 -23.24
C PRO B 32 0.32 -9.27 -24.23
N TYR B 35 -4.79 -11.80 -21.91
CA TYR B 35 -5.50 -11.26 -20.71
C TYR B 35 -5.46 -12.25 -19.54
N ILE B 36 -4.77 -11.89 -18.46
CA ILE B 36 -4.77 -12.65 -17.21
C ILE B 36 -5.26 -11.73 -16.09
N PRO B 37 -6.34 -12.10 -15.35
CA PRO B 37 -6.95 -11.19 -14.37
C PRO B 37 -5.95 -10.77 -13.30
N THR B 38 -6.07 -9.54 -12.83
CA THR B 38 -5.12 -8.98 -11.89
C THR B 38 -5.60 -9.18 -10.44
N VAL B 39 -4.64 -9.31 -9.49
CA VAL B 39 -4.99 -9.19 -8.09
C VAL B 39 -4.52 -7.81 -7.65
N PHE B 40 -3.19 -7.74 -7.49
CA PHE B 40 -2.46 -6.51 -7.31
C PHE B 40 -1.10 -6.76 -7.93
N ASP B 41 -0.60 -5.74 -8.62
CA ASP B 41 0.74 -5.74 -9.18
C ASP B 41 1.39 -4.41 -8.80
N ASN B 42 2.72 -4.45 -8.63
CA ASN B 42 3.46 -3.20 -8.40
C ASN B 42 4.49 -3.04 -9.50
N TYR B 43 4.78 -1.77 -9.81
CA TYR B 43 5.83 -1.37 -10.73
C TYR B 43 6.65 -0.28 -10.07
N SER B 44 7.97 -0.44 -10.01
CA SER B 44 8.85 0.62 -9.53
C SER B 44 9.67 1.12 -10.73
N ALA B 45 9.48 2.36 -11.15
CA ALA B 45 10.18 2.89 -12.32
C ALA B 45 10.69 4.30 -12.04
N ASN B 46 11.82 4.66 -12.64
CA ASN B 46 12.40 5.97 -12.42
C ASN B 46 12.21 6.87 -13.64
N VAL B 47 11.87 8.14 -13.40
CA VAL B 47 11.76 9.16 -14.44
C VAL B 47 12.61 10.35 -14.02
N MET B 48 13.00 11.14 -15.01
CA MET B 48 13.67 12.43 -14.79
C MET B 48 12.61 13.51 -14.99
N VAL B 49 12.40 14.33 -13.96
CA VAL B 49 11.49 15.46 -13.99
C VAL B 49 12.33 16.74 -13.88
N ASP B 50 12.44 17.46 -14.99
CA ASP B 50 13.30 18.63 -15.07
C ASP B 50 14.71 18.27 -14.59
N GLY B 51 15.21 17.12 -15.02
CA GLY B 51 16.57 16.68 -14.78
C GLY B 51 16.80 15.96 -13.45
N LYS B 52 15.78 15.89 -12.57
CA LYS B 52 15.92 15.31 -11.26
C LYS B 52 15.21 13.96 -11.21
N PRO B 53 15.80 12.92 -10.59
CA PRO B 53 15.16 11.61 -10.56
C PRO B 53 13.97 11.54 -9.60
N VAL B 54 12.90 10.88 -10.06
CA VAL B 54 11.71 10.66 -9.26
C VAL B 54 11.34 9.18 -9.40
N ASN B 55 11.02 8.52 -8.28
CA ASN B 55 10.65 7.12 -8.31
C ASN B 55 9.13 7.01 -8.40
N LEU B 56 8.64 6.29 -9.41
CA LEU B 56 7.22 6.02 -9.54
C LEU B 56 6.92 4.66 -8.92
N GLY B 57 5.96 4.63 -7.99
CA GLY B 57 5.39 3.39 -7.48
C GLY B 57 3.97 3.22 -8.02
N LEU B 58 3.83 2.38 -9.06
CA LEU B 58 2.58 2.24 -9.77
C LEU B 58 1.92 0.95 -9.31
N TRP B 59 0.62 1.02 -9.01
CA TRP B 59 -0.13 -0.11 -8.50
C TRP B 59 -1.28 -0.42 -9.43
N ASP B 60 -1.35 -1.68 -9.85
CA ASP B 60 -2.48 -2.22 -10.62
C ASP B 60 -3.45 -2.87 -9.64
N THR B 61 -4.76 -2.82 -9.97
CA THR B 61 -5.81 -3.32 -9.09
C THR B 61 -6.77 -4.17 -9.92
N ALA B 62 -7.61 -4.95 -9.23
CA ALA B 62 -8.61 -5.80 -9.87
C ALA B 62 -9.93 -5.05 -9.98
N GLY B 63 -10.49 -4.97 -11.19
CA GLY B 63 -11.72 -4.22 -11.41
C GLY B 63 -13.01 -5.02 -11.10
N GLN B 64 -12.90 -6.32 -10.78
CA GLN B 64 -14.07 -7.15 -10.50
C GLN B 64 -14.70 -6.78 -9.16
N GLU B 65 -16.02 -6.95 -9.07
CA GLU B 65 -16.76 -6.59 -7.87
C GLU B 65 -16.38 -7.48 -6.67
N ASP B 66 -16.02 -8.76 -6.89
CA ASP B 66 -15.66 -9.63 -5.78
C ASP B 66 -14.30 -9.24 -5.18
N TYR B 67 -13.60 -8.27 -5.78
CA TYR B 67 -12.39 -7.69 -5.15
C TYR B 67 -12.66 -6.39 -4.39
N ASP B 68 -13.92 -6.00 -4.20
CA ASP B 68 -14.25 -4.70 -3.60
C ASP B 68 -13.77 -4.59 -2.15
N ARG B 69 -13.74 -5.70 -1.40
CA ARG B 69 -13.29 -5.64 -0.01
C ARG B 69 -11.76 -5.55 0.06
N LEU B 70 -11.04 -6.04 -0.96
CA LEU B 70 -9.58 -6.05 -0.90
C LEU B 70 -8.98 -4.79 -1.53
N ARG B 71 -9.55 -4.30 -2.65
CA ARG B 71 -8.97 -3.23 -3.44
C ARG B 71 -8.50 -2.06 -2.56
N PRO B 72 -9.28 -1.57 -1.55
CA PRO B 72 -8.81 -0.45 -0.74
C PRO B 72 -7.51 -0.66 0.05
N LEU B 73 -7.03 -1.90 0.15
CA LEU B 73 -5.74 -2.17 0.75
C LEU B 73 -4.65 -1.30 0.11
N SER B 74 -4.74 -1.08 -1.21
CA SER B 74 -3.73 -0.39 -2.00
C SER B 74 -3.80 1.14 -1.85
N TYR B 75 -4.87 1.70 -1.28
CA TYR B 75 -5.18 3.13 -1.43
C TYR B 75 -4.39 4.04 -0.48
N PRO B 76 -4.02 3.66 0.77
CA PRO B 76 -3.30 4.59 1.65
C PRO B 76 -2.04 5.18 1.02
N GLN B 77 -1.90 6.50 1.23
CA GLN B 77 -0.75 7.31 0.85
C GLN B 77 -0.59 7.40 -0.67
N THR B 78 -1.67 7.12 -1.41
CA THR B 78 -1.66 7.35 -2.84
C THR B 78 -1.56 8.86 -3.14
N ASP B 79 -0.79 9.21 -4.18
CA ASP B 79 -0.58 10.62 -4.55
C ASP B 79 -1.49 11.04 -5.70
N VAL B 80 -1.83 10.08 -6.56
CA VAL B 80 -2.70 10.34 -7.71
C VAL B 80 -3.32 9.01 -8.14
N PHE B 81 -4.59 9.08 -8.55
CA PHE B 81 -5.32 7.95 -9.08
C PHE B 81 -5.49 8.13 -10.59
N LEU B 82 -5.37 7.03 -11.33
CA LEU B 82 -5.89 6.95 -12.68
C LEU B 82 -7.20 6.17 -12.64
N ILE B 83 -8.34 6.82 -12.97
CA ILE B 83 -9.60 6.11 -13.14
C ILE B 83 -9.75 5.84 -14.63
N CYS B 84 -9.80 4.56 -15.03
CA CYS B 84 -9.77 4.17 -16.42
C CYS B 84 -11.12 3.61 -16.85
N PHE B 85 -11.50 3.94 -18.08
CA PHE B 85 -12.62 3.31 -18.77
C PHE B 85 -12.18 3.10 -20.23
N SER B 86 -12.77 2.10 -20.88
CA SER B 86 -12.54 1.80 -22.28
C SER B 86 -13.41 2.70 -23.17
N LEU B 87 -12.81 3.39 -24.15
CA LEU B 87 -13.55 4.26 -25.05
C LEU B 87 -14.59 3.45 -25.85
N VAL B 88 -14.45 2.12 -25.89
CA VAL B 88 -15.34 1.27 -26.67
C VAL B 88 -16.20 0.37 -25.77
N SER B 89 -16.34 0.76 -24.50
CA SER B 89 -17.30 0.14 -23.60
C SER B 89 -18.07 1.19 -22.79
N PRO B 90 -19.27 1.58 -23.23
CA PRO B 90 -20.08 2.55 -22.48
C PRO B 90 -20.38 2.16 -21.03
N ALA B 91 -20.50 0.86 -20.75
CA ALA B 91 -20.76 0.47 -19.38
C ALA B 91 -19.59 0.85 -18.47
N SER B 92 -18.35 0.67 -18.96
CA SER B 92 -17.16 1.01 -18.19
C SER B 92 -17.07 2.51 -17.92
N PHE B 93 -17.56 3.32 -18.88
CA PHE B 93 -17.62 4.77 -18.74
C PHE B 93 -18.62 5.14 -17.66
N GLU B 94 -19.82 4.54 -17.70
CA GLU B 94 -20.82 4.86 -16.70
C GLU B 94 -20.34 4.50 -15.31
N ASN B 95 -19.54 3.43 -15.18
CA ASN B 95 -19.06 2.96 -13.90
C ASN B 95 -18.05 3.95 -13.31
N VAL B 96 -17.53 4.88 -14.10
CA VAL B 96 -16.71 5.95 -13.56
C VAL B 96 -17.54 6.76 -12.55
N ARG B 97 -18.76 7.15 -12.92
CA ARG B 97 -19.57 7.96 -12.02
C ARG B 97 -20.27 7.09 -10.97
N ALA B 98 -20.73 5.89 -11.33
CA ALA B 98 -21.48 5.06 -10.41
C ALA B 98 -20.59 4.33 -9.38
N LYS B 99 -19.35 3.97 -9.72
CA LYS B 99 -18.53 3.11 -8.86
C LYS B 99 -17.16 3.74 -8.51
N TRP B 100 -16.32 4.02 -9.51
CA TRP B 100 -14.91 4.36 -9.28
C TRP B 100 -14.71 5.71 -8.62
N TYR B 101 -15.35 6.80 -9.12
CA TYR B 101 -15.24 8.10 -8.48
C TYR B 101 -15.71 8.03 -7.02
N PRO B 102 -16.91 7.51 -6.69
CA PRO B 102 -17.34 7.41 -5.30
C PRO B 102 -16.42 6.56 -4.41
N GLU B 103 -15.92 5.41 -4.89
CA GLU B 103 -15.05 4.57 -4.07
C GLU B 103 -13.72 5.28 -3.77
N VAL B 104 -13.11 5.87 -4.80
CA VAL B 104 -11.89 6.66 -4.60
C VAL B 104 -12.13 7.79 -3.59
N ARG B 105 -13.15 8.61 -3.77
CA ARG B 105 -13.41 9.72 -2.87
C ARG B 105 -13.77 9.28 -1.44
N HIS B 106 -14.43 8.12 -1.27
CA HIS B 106 -14.74 7.65 0.07
C HIS B 106 -13.47 7.37 0.87
N HIS B 107 -12.45 6.79 0.23
CA HIS B 107 -11.21 6.45 0.93
C HIS B 107 -10.23 7.62 0.91
N CME B 108 -10.24 8.42 -0.17
CA CME B 108 -9.20 9.39 -0.47
CB CME B 108 -8.25 8.86 -1.50
SG CME B 108 -7.40 7.33 -1.04
SD CME B 108 -6.29 7.85 0.56
CE CME B 108 -4.80 8.52 -0.27
CZ CME B 108 -3.99 9.42 0.63
OH CME B 108 -3.83 8.75 1.87
C CME B 108 -9.84 10.70 -0.93
O CME B 108 -9.87 10.99 -2.12
N PRO B 109 -10.43 11.50 -0.01
CA PRO B 109 -11.24 12.66 -0.39
C PRO B 109 -10.53 13.79 -1.12
N ASN B 110 -9.20 13.92 -0.99
CA ASN B 110 -8.48 15.03 -1.61
C ASN B 110 -7.47 14.61 -2.68
N THR B 111 -7.34 13.33 -2.99
CA THR B 111 -6.30 12.89 -3.89
C THR B 111 -6.68 13.20 -5.35
N PRO B 112 -5.78 13.83 -6.13
CA PRO B 112 -6.09 14.12 -7.53
C PRO B 112 -6.38 12.86 -8.35
N ILE B 113 -7.30 13.04 -9.29
CA ILE B 113 -7.77 12.02 -10.21
C ILE B 113 -7.48 12.46 -11.63
N ILE B 114 -6.86 11.56 -12.41
CA ILE B 114 -6.79 11.69 -13.85
C ILE B 114 -7.81 10.72 -14.45
N LEU B 115 -8.71 11.19 -15.34
CA LEU B 115 -9.63 10.29 -16.01
C LEU B 115 -9.02 9.84 -17.34
N VAL B 116 -8.88 8.52 -17.54
CA VAL B 116 -8.19 7.97 -18.68
C VAL B 116 -9.16 7.15 -19.54
N GLY B 117 -9.34 7.57 -20.80
CA GLY B 117 -10.05 6.80 -21.80
C GLY B 117 -9.07 5.89 -22.52
N THR B 118 -9.28 4.56 -22.46
CA THR B 118 -8.35 3.59 -22.99
C THR B 118 -8.82 3.03 -24.34
N LYS B 119 -7.94 2.24 -24.98
CA LYS B 119 -8.20 1.61 -26.26
C LYS B 119 -8.61 2.63 -27.34
N LEU B 120 -7.89 3.77 -27.41
CA LEU B 120 -8.17 4.82 -28.39
C LEU B 120 -8.10 4.26 -29.82
N ASP B 121 -7.25 3.25 -30.05
CA ASP B 121 -7.06 2.72 -31.40
C ASP B 121 -8.33 2.05 -31.89
N LEU B 122 -9.25 1.63 -30.99
CA LEU B 122 -10.45 0.92 -31.41
C LEU B 122 -11.63 1.87 -31.66
N ARG B 123 -11.53 3.16 -31.27
CA ARG B 123 -12.69 4.04 -31.42
C ARG B 123 -13.12 4.19 -32.90
N ASP B 124 -12.16 4.11 -33.84
CA ASP B 124 -12.44 4.27 -35.26
C ASP B 124 -12.51 2.92 -35.99
N ASP B 125 -12.35 1.83 -35.25
CA ASP B 125 -12.28 0.51 -35.88
C ASP B 125 -13.68 0.10 -36.31
N LYS B 126 -13.82 -0.30 -37.57
CA LYS B 126 -15.12 -0.55 -38.19
C LYS B 126 -15.85 -1.65 -37.44
N ASP B 127 -15.19 -2.79 -37.20
CA ASP B 127 -15.82 -3.95 -36.58
C ASP B 127 -16.22 -3.67 -35.13
N THR B 128 -15.40 -2.90 -34.40
CA THR B 128 -15.76 -2.48 -33.05
C THR B 128 -17.00 -1.60 -33.10
N ILE B 129 -17.06 -0.63 -34.02
CA ILE B 129 -18.19 0.29 -34.15
C ILE B 129 -19.48 -0.51 -34.47
N GLU B 130 -19.37 -1.49 -35.39
CA GLU B 130 -20.54 -2.27 -35.85
C GLU B 130 -21.04 -3.19 -34.73
N LYS B 131 -20.14 -3.86 -34.01
CA LYS B 131 -20.58 -4.68 -32.88
C LYS B 131 -21.26 -3.85 -31.79
N LEU B 132 -20.78 -2.62 -31.52
CA LEU B 132 -21.43 -1.73 -30.56
C LEU B 132 -22.83 -1.33 -31.09
N LYS B 133 -22.90 -0.98 -32.38
CA LYS B 133 -24.14 -0.57 -33.03
C LYS B 133 -25.19 -1.67 -32.88
N GLU B 134 -24.78 -2.94 -33.03
CA GLU B 134 -25.67 -4.08 -32.93
C GLU B 134 -26.31 -4.17 -31.53
N LYS B 135 -25.68 -3.53 -30.52
CA LYS B 135 -26.20 -3.52 -29.16
C LYS B 135 -26.82 -2.18 -28.80
N LYS B 136 -27.08 -1.32 -29.80
CA LYS B 136 -27.62 0.03 -29.64
C LYS B 136 -26.63 0.93 -28.90
N LEU B 137 -25.34 0.75 -29.13
CA LEU B 137 -24.35 1.55 -28.42
C LEU B 137 -23.45 2.25 -29.43
N THR B 138 -22.70 3.25 -28.94
CA THR B 138 -21.69 3.94 -29.74
C THR B 138 -20.46 4.15 -28.85
N PRO B 139 -19.25 4.28 -29.42
CA PRO B 139 -18.06 4.65 -28.63
C PRO B 139 -18.20 5.96 -27.87
N ILE B 140 -17.44 6.09 -26.78
CA ILE B 140 -17.39 7.34 -26.01
C ILE B 140 -16.56 8.36 -26.80
N THR B 141 -17.09 9.59 -26.91
CA THR B 141 -16.44 10.64 -27.66
C THR B 141 -15.55 11.44 -26.72
N TYR B 142 -14.61 12.19 -27.28
CA TYR B 142 -13.76 13.08 -26.50
C TYR B 142 -14.61 14.06 -25.70
N PRO B 143 -15.63 14.76 -26.24
CA PRO B 143 -16.44 15.68 -25.42
C PRO B 143 -17.15 15.00 -24.26
N GLN B 144 -17.60 13.76 -24.44
CA GLN B 144 -18.24 13.03 -23.36
C GLN B 144 -17.26 12.80 -22.23
N GLY B 145 -16.06 12.33 -22.57
CA GLY B 145 -15.01 12.11 -21.58
C GLY B 145 -14.67 13.37 -20.82
N LEU B 146 -14.55 14.48 -21.57
CA LEU B 146 -14.18 15.76 -21.00
C LEU B 146 -15.27 16.18 -20.02
N ALA B 147 -16.54 15.96 -20.38
CA ALA B 147 -17.64 16.34 -19.50
C ALA B 147 -17.63 15.52 -18.20
N MET B 148 -17.36 14.21 -18.33
CA MET B 148 -17.27 13.31 -17.19
C MET B 148 -16.13 13.76 -16.28
N ALA B 149 -15.00 14.14 -16.85
CA ALA B 149 -13.88 14.61 -16.03
C ALA B 149 -14.29 15.83 -15.22
N LYS B 150 -14.97 16.79 -15.86
CA LYS B 150 -15.47 17.96 -15.15
C LYS B 150 -16.42 17.55 -14.02
N GLU B 151 -17.31 16.61 -14.32
CA GLU B 151 -18.32 16.20 -13.36
C GLU B 151 -17.66 15.64 -12.11
N ILE B 152 -16.63 14.80 -12.26
CA ILE B 152 -16.03 14.11 -11.12
C ILE B 152 -14.88 14.93 -10.55
N GLY B 153 -14.63 16.14 -11.08
CA GLY B 153 -13.54 16.96 -10.57
C GLY B 153 -12.15 16.35 -10.85
N ALA B 154 -12.02 15.57 -11.93
CA ALA B 154 -10.72 15.10 -12.36
C ALA B 154 -9.83 16.28 -12.77
N VAL B 155 -8.53 16.18 -12.49
CA VAL B 155 -7.56 17.19 -12.85
C VAL B 155 -7.37 17.26 -14.37
N LYS B 156 -7.54 16.13 -15.05
CA LYS B 156 -7.35 16.08 -16.48
C LYS B 156 -8.12 14.88 -17.04
N TYR B 157 -8.56 15.02 -18.29
CA TYR B 157 -9.06 13.94 -19.11
C TYR B 157 -8.07 13.64 -20.23
N LEU B 158 -7.63 12.39 -20.34
CA LEU B 158 -6.67 11.99 -21.36
C LEU B 158 -7.10 10.68 -22.05
N GLU B 159 -6.88 10.62 -23.37
CA GLU B 159 -7.15 9.42 -24.15
C GLU B 159 -5.84 8.76 -24.60
N CYS B 160 -5.81 7.42 -24.59
CA CYS B 160 -4.60 6.72 -24.97
C CYS B 160 -4.87 5.32 -25.51
N SER B 161 -3.83 4.75 -26.13
CA SER B 161 -3.80 3.36 -26.55
C SER B 161 -2.53 2.71 -26.02
N ALA B 162 -2.64 1.59 -25.30
CA ALA B 162 -1.49 0.80 -24.92
C ALA B 162 -0.84 0.10 -26.11
N LEU B 163 -1.66 -0.25 -27.10
CA LEU B 163 -1.24 -0.98 -28.27
C LEU B 163 -0.34 -0.11 -29.15
N THR B 164 -0.78 1.10 -29.50
CA THR B 164 0.02 1.94 -30.37
C THR B 164 0.91 2.90 -29.57
N GLN B 165 0.61 3.07 -28.25
CA GLN B 165 1.26 4.01 -27.36
C GLN B 165 0.85 5.46 -27.63
N ARG B 166 -0.13 5.69 -28.52
CA ARG B 166 -0.62 7.05 -28.68
C ARG B 166 -1.19 7.60 -27.37
N GLY B 167 -0.63 8.74 -26.90
CA GLY B 167 -1.12 9.45 -25.72
C GLY B 167 -0.76 8.76 -24.39
N LEU B 168 -0.04 7.64 -24.45
CA LEU B 168 0.26 6.81 -23.29
C LEU B 168 1.20 7.50 -22.31
N LYS B 169 2.33 7.97 -22.80
CA LYS B 169 3.31 8.65 -21.97
C LYS B 169 2.70 9.89 -21.33
N THR B 170 1.84 10.61 -22.07
CA THR B 170 1.18 11.81 -21.57
C THR B 170 0.32 11.52 -20.34
N VAL B 171 -0.32 10.35 -20.30
CA VAL B 171 -1.14 9.95 -19.16
C VAL B 171 -0.30 10.01 -17.87
N PHE B 172 0.84 9.36 -17.89
CA PHE B 172 1.65 9.26 -16.69
C PHE B 172 2.35 10.58 -16.42
N ASP B 173 2.72 11.31 -17.48
CA ASP B 173 3.35 12.62 -17.29
C ASP B 173 2.42 13.55 -16.53
N GLU B 174 1.13 13.53 -16.89
CA GLU B 174 0.13 14.42 -16.30
C GLU B 174 -0.20 13.99 -14.86
N ALA B 175 -0.15 12.68 -14.58
CA ALA B 175 -0.25 12.18 -13.23
C ALA B 175 0.87 12.78 -12.36
N ILE B 176 2.09 12.77 -12.90
CA ILE B 176 3.26 13.30 -12.21
C ILE B 176 3.07 14.80 -11.96
N ARG B 177 2.64 15.54 -12.98
CA ARG B 177 2.42 16.98 -12.87
C ARG B 177 1.27 17.32 -11.92
N ALA B 178 0.33 16.39 -11.68
CA ALA B 178 -0.74 16.64 -10.70
C ALA B 178 -0.23 16.57 -9.27
N VAL B 179 0.97 15.99 -9.06
CA VAL B 179 1.52 15.78 -7.74
C VAL B 179 2.67 16.77 -7.49
N LEU B 180 3.66 16.91 -8.39
CA LEU B 180 4.86 17.72 -8.15
C LEU B 180 4.63 19.19 -8.54
N SER C 3 19.55 11.19 18.93
CA SER C 3 19.08 12.45 19.57
C SER C 3 17.95 13.10 18.75
N MET C 4 16.73 12.57 18.86
CA MET C 4 15.58 13.04 18.10
C MET C 4 14.39 13.29 19.04
N GLU C 5 13.72 14.43 18.86
CA GLU C 5 12.53 14.76 19.64
C GLU C 5 11.30 14.34 18.84
N ILE C 6 10.57 13.32 19.32
CA ILE C 6 9.38 12.84 18.59
C ILE C 6 8.14 12.97 19.47
N SER C 7 7.13 13.65 18.94
CA SER C 7 5.86 13.87 19.64
C SER C 7 5.00 12.61 19.65
N PRO C 8 4.00 12.52 20.56
CA PRO C 8 3.00 11.46 20.46
C PRO C 8 2.27 11.62 19.14
N PRO C 9 1.66 10.54 18.59
CA PRO C 9 0.94 10.65 17.33
C PRO C 9 -0.43 11.27 17.47
N VAL C 10 -0.87 11.91 16.38
CA VAL C 10 -2.23 12.40 16.22
C VAL C 10 -2.84 11.62 15.07
N LEU C 11 -3.88 10.81 15.32
CA LEU C 11 -4.50 10.02 14.28
C LEU C 11 -5.35 10.91 13.37
N ILE C 12 -5.13 10.76 12.06
CA ILE C 12 -5.81 11.54 11.05
C ILE C 12 -6.95 10.70 10.46
N SER C 13 -6.67 9.41 10.24
CA SER C 13 -7.62 8.51 9.62
C SER C 13 -7.23 7.06 9.92
N SER C 14 -8.21 6.17 9.80
CA SER C 14 -8.00 4.74 9.92
C SER C 14 -9.12 3.99 9.23
N SER C 15 -8.78 2.80 8.70
CA SER C 15 -9.75 1.84 8.21
C SER C 15 -10.35 1.06 9.38
N ASN C 16 -9.75 1.18 10.56
CA ASN C 16 -10.15 0.38 11.72
C ASN C 16 -11.25 1.10 12.49
N PRO C 17 -12.44 0.45 12.65
CA PRO C 17 -13.60 1.04 13.32
C PRO C 17 -13.36 1.58 14.73
N THR C 18 -12.70 0.78 15.59
CA THR C 18 -12.43 1.17 16.96
C THR C 18 -11.62 2.49 17.01
N ALA C 19 -10.60 2.60 16.15
CA ALA C 19 -9.69 3.74 16.19
C ALA C 19 -10.34 4.97 15.54
N ALA C 20 -11.02 4.80 14.40
CA ALA C 20 -11.58 5.93 13.66
C ALA C 20 -12.54 6.72 14.56
N ALA C 21 -13.22 6.00 15.46
CA ALA C 21 -14.22 6.59 16.33
C ALA C 21 -13.60 7.57 17.35
N ARG C 22 -12.28 7.46 17.60
CA ARG C 22 -11.59 8.28 18.58
C ARG C 22 -10.85 9.45 17.92
N ILE C 23 -11.20 9.82 16.68
CA ILE C 23 -10.49 10.87 15.94
C ILE C 23 -11.16 12.23 16.15
N SER C 24 -10.34 13.28 16.41
CA SER C 24 -10.75 14.69 16.39
C SER C 24 -11.95 14.96 17.29
N ARG D 1 1.84 28.96 -16.99
CA ARG D 1 2.39 27.90 -16.08
C ARG D 1 3.50 27.16 -16.83
N HIS D 2 4.63 26.99 -16.15
CA HIS D 2 5.69 26.15 -16.67
C HIS D 2 5.18 24.71 -16.56
N SER D 3 5.46 23.90 -17.58
CA SER D 3 5.15 22.49 -17.49
C SER D 3 6.47 21.71 -17.27
N MET D 4 6.48 20.82 -16.29
CA MET D 4 7.67 20.04 -16.00
C MET D 4 7.93 19.09 -17.16
N GLU D 5 9.19 18.99 -17.57
CA GLU D 5 9.60 18.10 -18.65
C GLU D 5 9.94 16.72 -18.09
N ILE D 6 9.33 15.66 -18.64
CA ILE D 6 9.46 14.33 -18.06
C ILE D 6 10.04 13.34 -19.09
N SER D 7 11.03 12.57 -18.67
CA SER D 7 11.66 11.55 -19.50
C SER D 7 10.80 10.29 -19.59
N PRO D 8 11.04 9.39 -20.57
CA PRO D 8 10.43 8.05 -20.53
C PRO D 8 10.84 7.31 -19.26
N PRO D 9 10.06 6.31 -18.79
CA PRO D 9 10.40 5.60 -17.56
C PRO D 9 11.45 4.52 -17.78
N VAL D 10 12.17 4.17 -16.71
CA VAL D 10 13.12 3.09 -16.69
C VAL D 10 12.65 2.14 -15.60
N LEU D 11 12.27 0.92 -15.99
CA LEU D 11 11.70 -0.03 -15.03
C LEU D 11 12.82 -0.61 -14.16
N ILE D 12 12.64 -0.57 -12.83
CA ILE D 12 13.57 -1.11 -11.85
C ILE D 12 13.08 -2.48 -11.38
N SER D 13 11.76 -2.61 -11.12
CA SER D 13 11.20 -3.86 -10.66
C SER D 13 9.71 -3.90 -10.97
N SER D 14 9.16 -5.11 -11.02
CA SER D 14 7.73 -5.30 -11.12
C SER D 14 7.38 -6.70 -10.64
N SER D 15 6.22 -6.83 -9.98
CA SER D 15 5.65 -8.13 -9.66
C SER D 15 4.91 -8.72 -10.85
N ASN D 16 4.75 -7.97 -11.95
CA ASN D 16 4.12 -8.50 -13.17
C ASN D 16 5.17 -9.23 -14.00
N PRO D 17 5.02 -10.54 -14.28
CA PRO D 17 6.06 -11.31 -14.98
C PRO D 17 6.40 -10.81 -16.38
N THR D 18 5.39 -10.39 -17.14
CA THR D 18 5.66 -9.92 -18.48
C THR D 18 6.56 -8.67 -18.43
N ALA D 19 6.29 -7.76 -17.51
CA ALA D 19 7.07 -6.53 -17.41
C ALA D 19 8.47 -6.85 -16.88
N ALA D 20 8.55 -7.65 -15.81
CA ALA D 20 9.83 -7.93 -15.18
C ALA D 20 10.80 -8.62 -16.15
N ALA D 21 10.29 -9.39 -17.11
CA ALA D 21 11.14 -10.15 -18.03
C ALA D 21 11.99 -9.23 -18.91
N ARG D 22 11.55 -7.96 -19.08
CA ARG D 22 12.28 -7.02 -19.90
C ARG D 22 13.38 -6.30 -19.11
N ILE D 23 13.54 -6.59 -17.81
CA ILE D 23 14.59 -5.97 -17.01
C ILE D 23 15.82 -6.88 -17.05
N SER D 24 16.96 -6.34 -17.48
CA SER D 24 18.19 -7.13 -17.50
C SER D 24 18.75 -7.35 -16.09
N GLU D 25 19.13 -8.60 -15.80
CA GLU D 25 20.13 -9.04 -14.83
C GLU D 25 19.44 -9.85 -13.72
PG GNP E . -4.24 -10.96 13.78
O1G GNP E . -3.05 -11.25 12.95
O2G GNP E . -5.16 -12.13 13.51
O3G GNP E . -4.89 -9.72 13.23
N3B GNP E . -3.97 -10.79 15.41
PB GNP E . -3.11 -9.58 16.10
O1B GNP E . -1.63 -9.89 16.17
O2B GNP E . -3.53 -8.27 15.51
O3A GNP E . -3.59 -9.55 17.63
PA GNP E . -4.53 -8.51 18.44
O1A GNP E . -3.93 -7.17 18.49
O2A GNP E . -5.89 -8.61 17.89
O5' GNP E . -4.47 -9.15 19.92
C5' GNP E . -4.79 -10.56 20.12
C4' GNP E . -5.21 -10.81 21.56
O4' GNP E . -4.13 -10.42 22.45
C3' GNP E . -6.42 -10.02 22.05
O3' GNP E . -7.15 -10.77 23.01
C2' GNP E . -5.77 -8.80 22.70
O2' GNP E . -6.58 -8.16 23.66
C1' GNP E . -4.55 -9.42 23.35
N9 GNP E . -3.46 -8.46 23.56
C8 GNP E . -2.91 -7.61 22.62
N7 GNP E . -1.96 -6.84 23.09
C5 GNP E . -1.87 -7.21 24.43
C6 GNP E . -1.01 -6.73 25.44
O6 GNP E . -0.15 -5.84 25.36
N1 GNP E . -1.25 -7.37 26.65
C2 GNP E . -2.19 -8.35 26.87
N2 GNP E . -2.28 -8.86 28.10
N3 GNP E . -2.99 -8.82 25.91
C4 GNP E . -2.79 -8.20 24.73
MG MG F . -4.76 -7.86 13.95
N3B GNP G . -8.53 -6.39 -17.02
PB GNP G . -7.53 -5.11 -17.29
O1B GNP G . -8.20 -3.76 -17.15
O2B GNP G . -6.21 -5.32 -16.61
O3A GNP G . -7.28 -5.15 -18.86
PA GNP G . -6.09 -5.82 -19.73
O1A GNP G . -4.89 -4.89 -19.67
O2A GNP G . -5.80 -7.22 -19.33
O5' GNP G . -6.70 -5.76 -21.22
C5' GNP G . -7.89 -6.53 -21.52
C4' GNP G . -7.91 -6.84 -23.00
O4' GNP G . -7.89 -5.61 -23.79
C3' GNP G . -6.75 -7.69 -23.53
O3' GNP G . -7.23 -8.49 -24.59
C2' GNP G . -5.79 -6.63 -24.06
O2' GNP G . -4.96 -7.10 -25.09
C1' GNP G . -6.75 -5.60 -24.64
N9 GNP G . -6.19 -4.25 -24.68
C8 GNP G . -5.64 -3.54 -23.64
N7 GNP G . -5.26 -2.31 -23.98
C5 GNP G . -5.60 -2.21 -25.31
C6 GNP G . -5.42 -1.12 -26.21
O6 GNP G . -4.90 -0.01 -25.98
N1 GNP G . -5.88 -1.45 -27.49
C2 GNP G . -6.47 -2.64 -27.84
N2 GNP G . -6.88 -2.77 -29.09
N3 GNP G . -6.60 -3.68 -27.00
C4 GNP G . -6.17 -3.39 -25.75
MG MG H . -5.48 -6.40 -15.10
P PO4 I . 4.00 15.22 -22.64
O1 PO4 I . 2.68 15.81 -23.16
O2 PO4 I . 3.91 15.03 -21.14
O3 PO4 I . 4.26 13.85 -23.30
O4 PO4 I . 5.12 16.17 -22.98
P PO4 J . -8.69 -7.05 -13.95
O1 PO4 J . -9.20 -5.67 -13.65
O2 PO4 J . -9.64 -7.71 -14.91
O3 PO4 J . -7.32 -7.00 -14.59
O4 PO4 J . -8.64 -7.93 -12.62
CL CL K . -4.18 5.01 -31.52
#